data_3EBT
#
_entry.id   3EBT
#
_cell.length_a   75.730
_cell.length_b   75.730
_cell.length_c   50.070
_cell.angle_alpha   90.000
_cell.angle_beta   90.000
_cell.angle_gamma   120.000
#
_symmetry.space_group_name_H-M   'P 31 2 1'
#
loop_
_entity.id
_entity.type
_entity.pdbx_description
1 polymer 'uncharacterized NTF2-like protein'
2 non-polymer 'UNKNOWN LIGAND'
3 water water
#
_entity_poly.entity_id   1
_entity_poly.type   'polypeptide(L)'
_entity_poly.pdbx_seq_one_letter_code
;G(MSE)SNN(MSE)QTVRESYEAFHRRDLPGVLAALAPDVRWTHPDG(MSE)SPYGLGGTKHGHDEVIAFIRHVPTHIAE
(MSE)RLAPDEFIESGERIVVLGTRRVTAVNGRSATLKFVHVWRFENGRAVTFEDHFDTAE(MSE)IRLITA
;
_entity_poly.pdbx_strand_id   A
#
# COMPACT_ATOMS: atom_id res chain seq x y z
C GLY A 1 18.39 3.97 14.02
N SER A 3 14.77 2.16 13.64
CA SER A 3 13.91 1.30 14.43
C SER A 3 13.55 0.04 13.64
N ASN A 4 13.16 -1.01 14.35
CA ASN A 4 12.74 -2.25 13.69
CA ASN A 4 12.74 -2.25 13.70
C ASN A 4 11.52 -2.00 12.79
N ASN A 5 10.60 -1.16 13.27
CA ASN A 5 9.40 -0.84 12.46
C ASN A 5 9.74 -0.11 11.19
N GLN A 7 12.61 -0.45 9.61
CA GLN A 7 13.18 -1.49 8.74
CA GLN A 7 13.19 -1.50 8.76
C GLN A 7 12.09 -2.34 8.10
N THR A 8 11.07 -2.69 8.87
CA THR A 8 9.92 -3.45 8.38
C THR A 8 9.18 -2.72 7.27
N VAL A 9 8.93 -1.42 7.45
CA VAL A 9 8.28 -0.63 6.41
C VAL A 9 9.14 -0.61 5.14
N ARG A 10 10.41 -0.25 5.33
CA ARG A 10 11.32 -0.14 4.19
C ARG A 10 11.41 -1.50 3.47
N GLU A 11 11.48 -2.60 4.23
CA GLU A 11 11.51 -3.92 3.64
CA GLU A 11 11.49 -3.96 3.67
C GLU A 11 10.22 -4.31 2.89
N SER A 12 9.06 -3.81 3.33
CA SER A 12 7.82 -4.10 2.64
CA SER A 12 7.79 -4.08 2.62
C SER A 12 7.81 -3.48 1.23
N TYR A 13 8.38 -2.28 1.09
CA TYR A 13 8.50 -1.64 -0.24
C TYR A 13 9.43 -2.43 -1.17
N GLU A 14 10.48 -3.03 -0.59
CA GLU A 14 11.42 -3.86 -1.36
C GLU A 14 10.65 -5.10 -1.83
N ALA A 15 9.89 -5.72 -0.92
CA ALA A 15 9.05 -6.86 -1.28
C ALA A 15 8.06 -6.57 -2.40
N PHE A 16 7.43 -5.39 -2.33
CA PHE A 16 6.49 -4.97 -3.36
C PHE A 16 7.15 -4.89 -4.75
N HIS A 17 8.32 -4.30 -4.79
CA HIS A 17 9.00 -4.18 -6.08
CA HIS A 17 9.12 -4.08 -6.03
C HIS A 17 9.49 -5.45 -6.67
N ARG A 18 9.58 -6.49 -5.83
CA ARG A 18 9.90 -7.87 -6.25
C ARG A 18 8.65 -8.69 -6.63
N ARG A 19 7.44 -8.18 -6.40
CA ARG A 19 6.17 -8.93 -6.57
C ARG A 19 6.16 -10.19 -5.67
N ASP A 20 6.66 -9.99 -4.45
CA ASP A 20 6.82 -11.01 -3.42
C ASP A 20 5.71 -10.81 -2.41
N LEU A 21 4.60 -11.50 -2.63
CA LEU A 21 3.42 -11.43 -1.79
C LEU A 21 3.70 -11.84 -0.34
N PRO A 22 4.36 -12.98 -0.09
CA PRO A 22 4.70 -13.30 1.31
C PRO A 22 5.52 -12.19 2.02
N GLY A 23 6.47 -11.58 1.31
CA GLY A 23 7.28 -10.50 1.86
C GLY A 23 6.44 -9.28 2.24
N VAL A 24 5.44 -8.98 1.44
CA VAL A 24 4.47 -7.89 1.74
C VAL A 24 3.61 -8.23 2.98
N LEU A 25 3.10 -9.46 3.02
CA LEU A 25 2.32 -9.93 4.17
C LEU A 25 3.09 -10.02 5.47
N ALA A 26 4.41 -10.24 5.39
CA ALA A 26 5.30 -10.37 6.57
C ALA A 26 5.24 -9.16 7.52
N ALA A 27 4.96 -7.97 6.98
CA ALA A 27 4.86 -6.75 7.78
C ALA A 27 3.54 -6.60 8.49
N LEU A 28 2.54 -7.38 8.11
CA LEU A 28 1.17 -7.18 8.55
C LEU A 28 0.73 -8.12 9.64
N ALA A 29 0.05 -7.57 10.65
CA ALA A 29 -0.50 -8.39 11.69
C ALA A 29 -1.57 -9.33 11.14
N PRO A 30 -1.79 -10.48 11.81
CA PRO A 30 -2.89 -11.33 11.32
C PRO A 30 -4.29 -10.67 11.27
N ASP A 31 -4.56 -9.72 12.16
CA ASP A 31 -5.83 -8.99 12.31
CA ASP A 31 -5.88 -9.07 12.12
C ASP A 31 -5.77 -7.65 11.53
N VAL A 32 -4.82 -7.48 10.61
CA VAL A 32 -4.64 -6.19 9.92
C VAL A 32 -5.92 -5.66 9.30
N ARG A 33 -6.09 -4.35 9.38
CA ARG A 33 -7.15 -3.61 8.68
C ARG A 33 -6.41 -2.76 7.66
N TRP A 34 -6.59 -3.11 6.39
CA TRP A 34 -5.75 -2.63 5.28
C TRP A 34 -6.71 -1.90 4.35
N THR A 35 -6.55 -0.57 4.27
CA THR A 35 -7.60 0.28 3.71
C THR A 35 -7.16 1.10 2.51
N HIS A 36 -8.05 1.17 1.54
CA HIS A 36 -7.94 2.02 0.36
C HIS A 36 -9.18 2.90 0.26
N PRO A 37 -9.11 3.95 -0.55
CA PRO A 37 -10.21 4.91 -0.54
C PRO A 37 -11.53 4.34 -1.03
N ASP A 38 -12.62 4.78 -0.41
CA ASP A 38 -13.96 4.35 -0.84
C ASP A 38 -14.28 4.76 -2.27
N GLY A 39 -13.67 5.85 -2.77
CA GLY A 39 -13.88 6.21 -4.15
C GLY A 39 -13.41 5.17 -5.16
N SER A 41 -14.11 1.97 -4.88
CA SER A 41 -15.03 0.83 -4.81
CA SER A 41 -15.01 0.82 -4.82
C SER A 41 -15.60 0.38 -6.15
N PRO A 42 -15.88 1.30 -7.09
CA PRO A 42 -16.39 0.79 -8.39
C PRO A 42 -15.43 -0.16 -9.13
N TYR A 43 -14.14 -0.07 -8.82
CA TYR A 43 -13.09 -0.90 -9.38
C TYR A 43 -12.72 -2.10 -8.54
N GLY A 44 -13.42 -2.27 -7.39
CA GLY A 44 -13.10 -3.35 -6.47
C GLY A 44 -11.82 -3.12 -5.70
N LEU A 45 -11.39 -1.85 -5.61
CA LEU A 45 -10.14 -1.49 -5.00
C LEU A 45 -10.27 -0.48 -3.87
N GLY A 46 -11.45 -0.44 -3.26
CA GLY A 46 -11.72 0.40 -2.13
C GLY A 46 -11.96 -0.36 -0.86
N GLY A 47 -12.12 0.39 0.19
CA GLY A 47 -12.54 -0.12 1.49
C GLY A 47 -11.47 -0.76 2.32
N THR A 48 -11.90 -1.36 3.43
CA THR A 48 -11.00 -1.97 4.39
C THR A 48 -11.02 -3.49 4.24
N LYS A 49 -9.85 -4.06 3.98
CA LYS A 49 -9.63 -5.51 3.96
C LYS A 49 -9.19 -5.91 5.36
N HIS A 50 -9.75 -7.00 5.87
CA HIS A 50 -9.47 -7.44 7.22
CA HIS A 50 -9.51 -7.49 7.22
C HIS A 50 -8.79 -8.82 7.13
N GLY A 51 -7.55 -8.90 7.59
CA GLY A 51 -6.77 -10.13 7.59
C GLY A 51 -6.04 -10.44 6.31
N HIS A 52 -5.09 -11.36 6.39
CA HIS A 52 -4.20 -11.67 5.26
C HIS A 52 -4.95 -12.19 4.02
N ASP A 53 -5.93 -13.05 4.22
CA ASP A 53 -6.68 -13.56 3.08
C ASP A 53 -7.39 -12.48 2.29
N GLU A 54 -8.02 -11.53 2.98
CA GLU A 54 -8.69 -10.41 2.29
C GLU A 54 -7.67 -9.48 1.57
N VAL A 55 -6.51 -9.30 2.17
CA VAL A 55 -5.43 -8.49 1.56
C VAL A 55 -4.94 -9.20 0.27
N ILE A 56 -4.73 -10.50 0.36
CA ILE A 56 -4.31 -11.29 -0.79
C ILE A 56 -5.35 -11.19 -1.93
N ALA A 57 -6.63 -11.30 -1.62
CA ALA A 57 -7.70 -11.18 -2.61
C ALA A 57 -7.68 -9.83 -3.34
N PHE A 58 -7.44 -8.77 -2.58
CA PHE A 58 -7.32 -7.42 -3.15
C PHE A 58 -6.15 -7.39 -4.12
N ILE A 59 -4.99 -7.83 -3.65
CA ILE A 59 -3.76 -7.83 -4.45
C ILE A 59 -3.93 -8.60 -5.75
N ARG A 60 -4.62 -9.73 -5.67
CA ARG A 60 -4.86 -10.54 -6.87
C ARG A 60 -5.84 -9.89 -7.84
N HIS A 61 -6.66 -8.96 -7.36
CA HIS A 61 -7.60 -8.21 -8.20
C HIS A 61 -6.96 -6.98 -8.90
N VAL A 62 -5.89 -6.44 -8.35
CA VAL A 62 -5.24 -5.22 -8.90
C VAL A 62 -4.93 -5.33 -10.41
N PRO A 63 -4.36 -6.46 -10.88
CA PRO A 63 -4.06 -6.61 -12.32
C PRO A 63 -5.25 -6.48 -13.28
N THR A 64 -6.48 -6.57 -12.79
CA THR A 64 -7.67 -6.31 -13.59
C THR A 64 -7.67 -4.91 -14.19
N HIS A 65 -7.12 -3.96 -13.45
CA HIS A 65 -7.09 -2.55 -13.86
C HIS A 65 -5.72 -1.95 -14.03
N ILE A 66 -4.73 -2.43 -13.30
CA ILE A 66 -3.39 -1.86 -13.27
C ILE A 66 -2.37 -2.90 -13.71
N ALA A 67 -1.67 -2.57 -14.77
CA ALA A 67 -0.65 -3.46 -15.35
C ALA A 67 0.68 -3.38 -14.66
N GLU A 68 1.05 -2.17 -14.20
CA GLU A 68 2.31 -1.98 -13.50
C GLU A 68 2.20 -0.82 -12.53
N ARG A 70 5.10 1.16 -9.87
CA ARG A 70 6.41 1.31 -9.24
CA ARG A 70 6.41 1.31 -9.24
C ARG A 70 6.32 2.44 -8.22
N LEU A 71 6.55 2.14 -6.97
CA LEU A 71 6.54 3.09 -5.89
C LEU A 71 7.89 3.75 -5.73
N ALA A 72 7.88 5.04 -5.47
CA ALA A 72 9.06 5.81 -5.22
C ALA A 72 8.84 6.61 -3.93
N PRO A 73 8.97 5.94 -2.77
CA PRO A 73 8.86 6.67 -1.51
C PRO A 73 9.95 7.71 -1.40
N ASP A 74 9.59 8.90 -0.93
CA ASP A 74 10.49 10.06 -0.73
CA ASP A 74 10.61 9.93 -0.72
C ASP A 74 10.71 10.48 0.70
N GLU A 75 9.75 10.18 1.59
CA GLU A 75 9.69 10.70 2.92
CA GLU A 75 9.84 10.62 2.99
C GLU A 75 9.16 9.60 3.86
N PHE A 76 9.81 9.36 5.00
CA PHE A 76 9.36 8.41 6.02
C PHE A 76 9.33 9.20 7.34
N ILE A 77 8.14 9.31 7.93
CA ILE A 77 7.89 10.14 9.09
C ILE A 77 7.37 9.24 10.21
N GLU A 78 8.23 9.00 11.19
CA GLU A 78 7.92 8.06 12.30
C GLU A 78 7.76 8.79 13.61
N SER A 79 6.71 8.43 14.33
CA SER A 79 6.51 8.87 15.70
C SER A 79 5.85 7.75 16.47
N GLY A 80 6.52 7.26 17.52
CA GLY A 80 5.99 6.14 18.27
C GLY A 80 5.89 4.95 17.32
N GLU A 81 4.73 4.32 17.34
CA GLU A 81 4.43 3.15 16.51
C GLU A 81 3.72 3.49 15.19
N ARG A 82 3.70 4.77 14.81
CA ARG A 82 3.14 5.22 13.55
CA ARG A 82 3.13 5.18 13.54
C ARG A 82 4.23 5.62 12.58
N ILE A 83 4.10 5.23 11.31
CA ILE A 83 5.00 5.65 10.24
C ILE A 83 4.14 6.09 9.06
N VAL A 84 4.41 7.31 8.57
CA VAL A 84 3.76 7.84 7.36
C VAL A 84 4.82 7.90 6.29
N VAL A 85 4.50 7.35 5.12
CA VAL A 85 5.38 7.36 3.97
C VAL A 85 4.71 8.21 2.87
N LEU A 86 5.47 9.14 2.33
CA LEU A 86 4.96 9.89 1.18
CA LEU A 86 5.09 10.06 1.26
C LEU A 86 5.86 9.68 0.02
N GLY A 87 5.26 9.71 -1.16
CA GLY A 87 6.01 9.52 -2.37
C GLY A 87 5.19 9.68 -3.61
N THR A 88 5.76 9.23 -4.72
CA THR A 88 5.11 9.17 -6.00
C THR A 88 5.13 7.75 -6.47
N ARG A 89 4.30 7.45 -7.46
CA ARG A 89 4.30 6.14 -8.07
C ARG A 89 3.98 6.27 -9.53
N ARG A 90 4.62 5.41 -10.31
CA ARG A 90 4.45 5.39 -11.73
C ARG A 90 3.50 4.23 -12.01
N VAL A 91 2.35 4.52 -12.64
CA VAL A 91 1.30 3.56 -12.82
C VAL A 91 0.98 3.43 -14.31
N THR A 92 0.90 2.18 -14.77
CA THR A 92 0.45 1.89 -16.12
C THR A 92 -0.84 1.10 -15.99
N ALA A 93 -1.92 1.60 -16.58
CA ALA A 93 -3.24 0.97 -16.60
C ALA A 93 -3.27 -0.16 -17.62
N VAL A 94 -4.22 -1.08 -17.43
CA VAL A 94 -4.50 -2.14 -18.40
C VAL A 94 -4.85 -1.54 -19.76
N ASN A 95 -5.48 -0.36 -19.76
CA ASN A 95 -5.80 0.34 -21.02
C ASN A 95 -4.57 0.86 -21.79
N GLY A 96 -3.37 0.77 -21.21
CA GLY A 96 -2.10 1.13 -21.85
C GLY A 96 -1.56 2.50 -21.51
N ARG A 97 -2.37 3.34 -20.86
CA ARG A 97 -1.93 4.67 -20.47
C ARG A 97 -1.12 4.63 -19.18
N SER A 98 -0.21 5.58 -19.03
CA SER A 98 0.60 5.73 -17.84
C SER A 98 0.56 7.14 -17.29
N ALA A 99 0.88 7.26 -16.01
CA ALA A 99 0.99 8.56 -15.34
C ALA A 99 1.75 8.41 -14.06
N THR A 100 2.28 9.52 -13.57
CA THR A 100 2.90 9.60 -12.26
C THR A 100 1.89 10.21 -11.32
N LEU A 101 1.67 9.55 -10.19
CA LEU A 101 0.69 9.95 -9.20
C LEU A 101 1.36 10.04 -7.83
N LYS A 102 0.67 10.60 -6.86
CA LYS A 102 1.17 10.73 -5.49
C LYS A 102 0.52 9.71 -4.59
N PHE A 103 1.22 9.32 -3.54
CA PHE A 103 0.62 8.51 -2.50
C PHE A 103 1.04 8.94 -1.12
N VAL A 104 0.20 8.63 -0.14
CA VAL A 104 0.53 8.73 1.28
C VAL A 104 0.07 7.39 1.90
N HIS A 105 1.02 6.71 2.53
CA HIS A 105 0.72 5.48 3.27
C HIS A 105 0.88 5.72 4.75
N VAL A 106 -0.12 5.33 5.52
CA VAL A 106 -0.15 5.42 6.97
CA VAL A 106 0.00 5.39 6.97
C VAL A 106 -0.03 3.98 7.53
N TRP A 107 0.99 3.72 8.33
CA TRP A 107 1.22 2.44 8.97
C TRP A 107 1.14 2.60 10.47
N ARG A 108 0.40 1.70 11.16
CA ARG A 108 0.39 1.72 12.63
CA ARG A 108 0.37 1.70 12.64
CA ARG A 108 0.35 1.70 12.65
C ARG A 108 0.70 0.30 13.09
N PHE A 109 1.74 0.21 13.92
CA PHE A 109 2.26 -1.04 14.43
C PHE A 109 1.82 -1.37 15.84
N GLU A 110 1.75 -2.68 16.08
CA GLU A 110 1.68 -3.24 17.44
C GLU A 110 2.62 -4.42 17.44
N ASN A 111 3.56 -4.44 18.39
CA ASN A 111 4.52 -5.55 18.45
C ASN A 111 5.25 -5.78 17.15
N GLY A 112 5.53 -4.69 16.42
CA GLY A 112 6.32 -4.82 15.23
C GLY A 112 5.66 -5.33 13.98
N ARG A 113 4.35 -5.52 14.01
CA ARG A 113 3.57 -5.80 12.81
C ARG A 113 2.47 -4.75 12.65
N ALA A 114 2.12 -4.44 11.41
CA ALA A 114 1.14 -3.40 11.15
C ALA A 114 -0.26 -3.91 11.39
N VAL A 115 -0.96 -3.31 12.34
CA VAL A 115 -2.37 -3.56 12.61
C VAL A 115 -3.28 -2.75 11.70
N THR A 116 -2.80 -1.59 11.24
CA THR A 116 -3.50 -0.87 10.18
C THR A 116 -2.50 -0.37 9.16
N PHE A 117 -3.01 -0.30 7.93
CA PHE A 117 -2.30 0.29 6.79
C PHE A 117 -3.37 1.02 5.99
N GLU A 118 -3.07 2.22 5.50
CA GLU A 118 -4.02 2.92 4.67
C GLU A 118 -3.29 3.75 3.61
N ASP A 119 -3.82 3.70 2.40
CA ASP A 119 -3.30 4.44 1.25
C ASP A 119 -4.31 5.57 0.95
N HIS A 120 -3.80 6.81 0.99
CA HIS A 120 -4.57 8.02 0.71
C HIS A 120 -4.04 8.66 -0.57
N PHE A 121 -4.93 8.94 -1.49
CA PHE A 121 -4.54 9.53 -2.78
C PHE A 121 -5.73 10.11 -3.53
N ASP A 122 -5.37 10.82 -4.60
CA ASP A 122 -6.31 11.50 -5.51
C ASP A 122 -6.97 10.43 -6.36
N THR A 123 -8.15 10.02 -5.91
CA THR A 123 -8.91 8.97 -6.56
C THR A 123 -9.46 9.39 -7.91
N ALA A 124 -9.89 10.65 -8.07
CA ALA A 124 -10.34 11.13 -9.39
C ALA A 124 -9.23 10.95 -10.42
N GLU A 125 -8.00 11.27 -10.05
CA GLU A 125 -6.87 11.12 -10.99
C GLU A 125 -6.51 9.67 -11.23
N ILE A 127 -8.66 7.18 -11.14
CA ILE A 127 -9.77 6.72 -12.01
C ILE A 127 -9.60 7.22 -13.44
N ARG A 128 -9.19 8.47 -13.58
CA ARG A 128 -8.94 9.03 -14.92
C ARG A 128 -7.92 8.18 -15.67
N LEU A 129 -6.92 7.66 -14.96
CA LEU A 129 -5.90 6.83 -15.55
C LEU A 129 -6.39 5.45 -15.95
N ILE A 130 -7.12 4.79 -15.05
CA ILE A 130 -7.48 3.38 -15.27
C ILE A 130 -8.80 3.15 -16.00
N THR A 131 -9.66 4.17 -16.11
CA THR A 131 -10.95 4.03 -16.80
C THR A 131 -10.75 3.81 -18.32
N ALA A 132 -11.78 3.42 -19.07
CA ALA A 132 -11.61 3.28 -20.57
C ALA A 132 -11.06 4.57 -21.20
#